data_5TN8
#
_entry.id   5TN8
#
_cell.length_a   54.180
_cell.length_b   82.020
_cell.length_c   58.040
_cell.angle_alpha   90.00
_cell.angle_beta   110.77
_cell.angle_gamma   90.00
#
_symmetry.space_group_name_H-M   'P 1 21 1'
#
loop_
_entity.id
_entity.type
_entity.pdbx_description
1 polymer 'Estrogen receptor'
2 polymer 'Nuclear receptor coactivator 2'
3 non-polymer "3-[(Z)-(hydroxyimino)methyl][1,1'-biphenyl]-4,4'-diol"
4 water water
#
loop_
_entity_poly.entity_id
_entity_poly.type
_entity_poly.pdbx_seq_one_letter_code
_entity_poly.pdbx_strand_id
1 'polypeptide(L)'
;IKRSKKNSLALSLTADQMVSALLDAEPPILYSEYDPTRPFSEASMMGLLTNLADRELVHMINWAKRVPGFVDLTLHDQVH
LLECAWLEILMIGLVWRSMEHPGKLLFAPNLLLDRNQGKCVEGMVEIFDMLLATSSRFRMMNLQGEEFVCLKSIILLNSG
VYTFLSSTLKSLEEKDHIHRVLDKITDTLIHLMAKAGLTLQQQHQRLAQLLLILSHIRHMSNKGMEHLYSMKCKNVVPLS
DLLLEMLDAHRLHAPTS
;
A,B
2 'polypeptide(L)' KHKILHRLLQDSS C,D
#
# COMPACT_ATOMS: atom_id res chain seq x y z
N SER A 8 -10.11 -17.49 -20.27
CA SER A 8 -9.55 -18.60 -19.50
C SER A 8 -10.59 -19.19 -18.56
N LEU A 9 -10.15 -20.12 -17.70
CA LEU A 9 -11.06 -20.78 -16.79
C LEU A 9 -11.56 -19.83 -15.71
N ALA A 10 -10.67 -19.00 -15.17
CA ALA A 10 -11.09 -18.04 -14.14
C ALA A 10 -12.07 -17.02 -14.68
N LEU A 11 -11.95 -16.66 -15.96
CA LEU A 11 -12.83 -15.65 -16.53
C LEU A 11 -14.25 -16.17 -16.70
N SER A 12 -14.39 -17.46 -17.03
CA SER A 12 -15.70 -18.07 -17.23
C SER A 12 -16.35 -18.50 -15.92
N LEU A 13 -15.74 -18.22 -14.78
CA LEU A 13 -16.28 -18.64 -13.50
C LEU A 13 -17.45 -17.74 -13.08
N THR A 14 -18.26 -18.25 -12.17
CA THR A 14 -19.37 -17.50 -11.59
C THR A 14 -18.93 -16.88 -10.27
N ALA A 15 -19.58 -15.77 -9.90
CA ALA A 15 -19.27 -15.14 -8.62
C ALA A 15 -19.47 -16.11 -7.47
N ASP A 16 -20.48 -16.97 -7.56
CA ASP A 16 -20.65 -18.02 -6.55
C ASP A 16 -19.63 -19.13 -6.74
N GLN A 17 -19.28 -19.43 -7.99
CA GLN A 17 -18.27 -20.46 -8.25
C GLN A 17 -16.87 -19.98 -7.93
N MET A 18 -16.61 -18.67 -8.11
CA MET A 18 -15.31 -18.12 -7.75
C MET A 18 -15.09 -18.19 -6.24
N VAL A 19 -16.13 -17.92 -5.44
CA VAL A 19 -15.99 -17.96 -3.99
C VAL A 19 -15.71 -19.38 -3.52
N SER A 20 -16.41 -20.36 -4.08
CA SER A 20 -16.21 -21.75 -3.67
C SER A 20 -14.81 -22.23 -4.04
N ALA A 21 -14.30 -21.79 -5.19
CA ALA A 21 -12.94 -22.17 -5.59
C ALA A 21 -11.90 -21.59 -4.65
N LEU A 22 -12.16 -20.41 -4.09
CA LEU A 22 -11.22 -19.81 -3.16
C LEU A 22 -11.33 -20.43 -1.77
N LEU A 23 -12.54 -20.73 -1.32
CA LEU A 23 -12.72 -21.36 -0.02
C LEU A 23 -12.14 -22.78 -0.01
N ASP A 24 -12.27 -23.50 -1.12
CA ASP A 24 -11.77 -24.87 -1.19
C ASP A 24 -10.25 -24.91 -1.25
N ALA A 25 -9.61 -23.82 -1.68
CA ALA A 25 -8.15 -23.75 -1.77
C ALA A 25 -7.51 -23.16 -0.52
N GLU A 26 -8.31 -22.86 0.50
CA GLU A 26 -7.79 -22.22 1.71
C GLU A 26 -6.66 -23.06 2.30
N PRO A 27 -5.50 -22.47 2.57
CA PRO A 27 -4.42 -23.21 3.19
C PRO A 27 -4.79 -23.59 4.62
N PRO A 28 -4.19 -24.64 5.15
CA PRO A 28 -4.49 -25.05 6.52
C PRO A 28 -3.84 -24.13 7.54
N ILE A 29 -4.39 -24.15 8.75
CA ILE A 29 -3.82 -23.42 9.88
C ILE A 29 -2.79 -24.33 10.55
N LEU A 30 -1.52 -23.97 10.41
CA LEU A 30 -0.44 -24.81 10.93
C LEU A 30 -0.23 -24.54 12.42
N TYR A 31 0.50 -25.44 13.06
CA TYR A 31 0.83 -25.35 14.48
C TYR A 31 2.29 -24.99 14.66
N SER A 32 2.58 -24.39 15.82
CA SER A 32 3.94 -24.00 16.17
C SER A 32 4.62 -25.14 16.94
N GLU A 33 5.95 -25.09 16.96
CA GLU A 33 6.74 -26.12 17.62
C GLU A 33 6.58 -26.07 19.14
N PRO A 39 8.51 -18.39 22.93
CA PRO A 39 7.84 -17.12 23.19
C PRO A 39 8.35 -16.42 24.44
N PHE A 40 9.59 -16.73 24.83
CA PHE A 40 10.22 -16.12 26.00
C PHE A 40 11.37 -15.23 25.59
N SER A 41 12.50 -15.80 25.16
CA SER A 41 13.65 -15.01 24.77
C SER A 41 13.46 -14.44 23.36
N GLU A 42 14.46 -13.70 22.88
CA GLU A 42 14.35 -13.09 21.57
C GLU A 42 14.56 -14.13 20.47
N ALA A 43 15.67 -14.86 20.52
CA ALA A 43 15.97 -15.83 19.48
C ALA A 43 14.95 -16.96 19.43
N SER A 44 14.35 -17.30 20.57
CA SER A 44 13.34 -18.36 20.58
C SER A 44 12.04 -17.89 19.94
N MET A 45 11.75 -16.59 20.01
CA MET A 45 10.53 -16.07 19.39
C MET A 45 10.71 -15.91 17.88
N MET A 46 11.83 -15.32 17.46
CA MET A 46 12.09 -15.21 16.03
C MET A 46 12.25 -16.58 15.39
N GLY A 47 12.73 -17.57 16.15
CA GLY A 47 12.83 -18.92 15.61
C GLY A 47 11.48 -19.55 15.35
N LEU A 48 10.52 -19.32 16.25
CA LEU A 48 9.19 -19.91 16.06
C LEU A 48 8.45 -19.26 14.90
N LEU A 49 8.64 -17.96 14.70
CA LEU A 49 7.92 -17.26 13.64
C LEU A 49 8.52 -17.56 12.26
N THR A 50 9.85 -17.62 12.16
CA THR A 50 10.47 -17.96 10.89
C THR A 50 10.27 -19.43 10.54
N ASN A 51 10.22 -20.30 11.56
CA ASN A 51 9.89 -21.70 11.30
C ASN A 51 8.44 -21.84 10.86
N LEU A 52 7.54 -21.08 11.49
CA LEU A 52 6.13 -21.12 11.09
C LEU A 52 5.93 -20.56 9.69
N ALA A 53 6.60 -19.45 9.37
CA ALA A 53 6.43 -18.85 8.05
C ALA A 53 7.01 -19.72 6.95
N ASP A 54 8.08 -20.48 7.23
CA ASP A 54 8.67 -21.31 6.19
C ASP A 54 7.74 -22.47 5.81
N ARG A 55 7.05 -23.04 6.79
CA ARG A 55 6.09 -24.09 6.49
C ARG A 55 4.82 -23.54 5.87
N GLU A 56 4.44 -22.31 6.22
CA GLU A 56 3.26 -21.70 5.62
C GLU A 56 3.48 -21.36 4.15
N LEU A 57 4.72 -21.00 3.78
CA LEU A 57 5.00 -20.65 2.40
C LEU A 57 4.76 -21.83 1.47
N VAL A 58 5.02 -23.06 1.95
CA VAL A 58 4.81 -24.23 1.11
C VAL A 58 3.33 -24.39 0.76
N HIS A 59 2.45 -24.22 1.75
CA HIS A 59 1.02 -24.30 1.48
C HIS A 59 0.55 -23.13 0.64
N MET A 60 1.10 -21.93 0.88
CA MET A 60 0.72 -20.76 0.11
C MET A 60 1.05 -20.95 -1.38
N ILE A 61 2.22 -21.50 -1.68
CA ILE A 61 2.59 -21.74 -3.06
C ILE A 61 1.59 -22.67 -3.74
N ASN A 62 1.19 -23.74 -3.04
CA ASN A 62 0.16 -24.62 -3.58
C ASN A 62 -1.21 -23.95 -3.56
N TRP A 63 -1.46 -23.08 -2.58
CA TRP A 63 -2.68 -22.28 -2.61
C TRP A 63 -2.70 -21.33 -3.79
N ALA A 64 -1.55 -20.82 -4.19
CA ALA A 64 -1.48 -19.89 -5.32
C ALA A 64 -1.90 -20.55 -6.62
N LYS A 65 -1.45 -21.79 -6.85
CA LYS A 65 -1.81 -22.49 -8.08
C LYS A 65 -3.31 -22.71 -8.18
N ARG A 66 -3.99 -22.89 -7.04
CA ARG A 66 -5.42 -23.12 -7.03
C ARG A 66 -6.24 -21.84 -7.12
N VAL A 67 -5.61 -20.67 -6.98
CA VAL A 67 -6.29 -19.40 -7.18
C VAL A 67 -6.65 -19.30 -8.66
N PRO A 68 -7.94 -19.12 -8.99
CA PRO A 68 -8.34 -19.14 -10.41
C PRO A 68 -7.61 -18.07 -11.21
N GLY A 69 -6.99 -18.51 -12.31
CA GLY A 69 -6.28 -17.62 -13.20
C GLY A 69 -4.79 -17.47 -12.90
N PHE A 70 -4.33 -17.93 -11.74
CA PHE A 70 -2.92 -17.80 -11.40
C PHE A 70 -2.05 -18.80 -12.15
N VAL A 71 -2.57 -19.99 -12.44
CA VAL A 71 -1.80 -20.99 -13.17
C VAL A 71 -1.72 -20.65 -14.65
N ASP A 72 -2.64 -19.84 -15.17
CA ASP A 72 -2.58 -19.41 -16.56
C ASP A 72 -1.37 -18.55 -16.85
N LEU A 73 -0.80 -17.89 -15.85
CA LEU A 73 0.38 -17.06 -16.04
C LEU A 73 1.61 -17.94 -16.31
N THR A 74 2.68 -17.29 -16.74
CA THR A 74 3.95 -17.97 -16.93
C THR A 74 4.61 -18.22 -15.58
N LEU A 75 5.58 -19.14 -15.59
CA LEU A 75 6.25 -19.51 -14.34
C LEU A 75 6.99 -18.32 -13.72
N HIS A 76 7.66 -17.52 -14.55
CA HIS A 76 8.39 -16.37 -14.04
C HIS A 76 7.44 -15.35 -13.40
N ASP A 77 6.28 -15.14 -14.01
CA ASP A 77 5.31 -14.20 -13.44
C ASP A 77 4.74 -14.74 -12.13
N GLN A 78 4.50 -16.06 -12.07
CA GLN A 78 4.07 -16.66 -10.81
C GLN A 78 5.11 -16.48 -9.72
N VAL A 79 6.40 -16.57 -10.09
CA VAL A 79 7.47 -16.34 -9.12
C VAL A 79 7.46 -14.89 -8.65
N HIS A 80 7.34 -13.95 -9.59
CA HIS A 80 7.37 -12.54 -9.25
C HIS A 80 6.27 -12.18 -8.27
N LEU A 81 5.01 -12.49 -8.63
CA LEU A 81 3.87 -12.11 -7.79
C LEU A 81 4.01 -12.68 -6.38
N LEU A 82 4.43 -13.95 -6.28
CA LEU A 82 4.56 -14.56 -4.96
C LEU A 82 5.71 -13.96 -4.17
N GLU A 83 6.75 -13.46 -4.83
CA GLU A 83 7.92 -12.94 -4.14
C GLU A 83 7.68 -11.57 -3.49
N CYS A 84 6.72 -10.82 -4.01
CA CYS A 84 6.42 -9.46 -3.57
CA CYS A 84 6.48 -9.51 -3.41
C CYS A 84 5.13 -9.41 -2.74
N ALA A 85 4.48 -10.55 -2.57
CA ALA A 85 3.22 -10.60 -1.86
C ALA A 85 3.20 -11.62 -0.70
N TRP A 86 4.26 -12.43 -0.60
CA TRP A 86 4.23 -13.55 0.34
C TRP A 86 4.06 -13.10 1.78
N LEU A 87 4.72 -12.00 2.16
CA LEU A 87 4.59 -11.51 3.53
C LEU A 87 3.26 -10.81 3.74
N GLU A 88 2.73 -10.15 2.70
CA GLU A 88 1.39 -9.60 2.79
C GLU A 88 0.37 -10.71 3.01
N ILE A 89 0.48 -11.79 2.23
CA ILE A 89 -0.46 -12.90 2.35
C ILE A 89 -0.29 -13.59 3.71
N LEU A 90 0.94 -13.72 4.18
CA LEU A 90 1.15 -14.28 5.51
C LEU A 90 0.53 -13.41 6.60
N MET A 91 0.52 -12.09 6.41
CA MET A 91 0.06 -11.19 7.46
C MET A 91 -1.45 -11.07 7.46
N ILE A 92 -2.07 -10.91 6.29
CA ILE A 92 -3.53 -10.82 6.24
C ILE A 92 -4.16 -12.12 6.72
N GLY A 93 -3.49 -13.25 6.50
CA GLY A 93 -3.96 -14.49 7.09
C GLY A 93 -3.83 -14.51 8.60
N LEU A 94 -2.69 -14.04 9.11
CA LEU A 94 -2.51 -13.92 10.55
C LEU A 94 -3.53 -12.95 11.15
N VAL A 95 -3.76 -11.83 10.46
CA VAL A 95 -4.77 -10.85 10.91
C VAL A 95 -6.16 -11.48 10.94
N TRP A 96 -6.43 -12.39 10.00
CA TRP A 96 -7.74 -13.03 9.96
C TRP A 96 -7.92 -14.02 11.11
N ARG A 97 -6.87 -14.78 11.43
CA ARG A 97 -6.96 -15.73 12.53
C ARG A 97 -7.12 -15.02 13.87
N SER A 98 -6.43 -13.89 14.03
CA SER A 98 -6.46 -13.11 15.27
C SER A 98 -7.72 -12.29 15.44
N MET A 99 -8.73 -12.50 14.59
CA MET A 99 -9.92 -11.66 14.61
C MET A 99 -10.75 -11.92 15.86
N GLU A 100 -10.99 -13.19 16.19
CA GLU A 100 -11.74 -13.55 17.38
C GLU A 100 -10.90 -13.54 18.65
N HIS A 101 -9.67 -13.03 18.58
CA HIS A 101 -8.79 -12.89 19.74
C HIS A 101 -8.33 -11.45 19.82
N PRO A 102 -9.19 -10.55 20.31
CA PRO A 102 -8.81 -9.13 20.37
C PRO A 102 -7.66 -8.91 21.34
N GLY A 103 -6.73 -8.04 20.94
CA GLY A 103 -5.54 -7.77 21.72
C GLY A 103 -4.46 -8.82 21.62
N LYS A 104 -4.71 -9.92 20.92
CA LYS A 104 -3.73 -10.98 20.75
C LYS A 104 -3.62 -11.34 19.28
N LEU A 105 -2.46 -11.88 18.90
CA LEU A 105 -2.19 -12.32 17.54
C LEU A 105 -2.07 -13.85 17.52
N LEU A 106 -2.88 -14.50 16.69
CA LEU A 106 -2.92 -15.96 16.62
C LEU A 106 -2.00 -16.41 15.49
N PHE A 107 -0.70 -16.43 15.78
CA PHE A 107 0.27 -16.99 14.83
C PHE A 107 -0.02 -18.45 14.55
N ALA A 108 -0.18 -19.23 15.61
CA ALA A 108 -0.57 -20.63 15.55
C ALA A 108 -1.59 -20.86 16.66
N PRO A 109 -2.43 -21.89 16.54
CA PRO A 109 -3.39 -22.18 17.61
C PRO A 109 -2.74 -22.39 18.96
N ASN A 110 -1.48 -22.79 19.00
CA ASN A 110 -0.72 -22.91 20.24
C ASN A 110 0.26 -21.76 20.44
N LEU A 111 0.36 -20.85 19.47
CA LEU A 111 1.24 -19.68 19.53
C LEU A 111 0.37 -18.43 19.44
N LEU A 112 -0.14 -17.99 20.59
CA LEU A 112 -1.00 -16.82 20.69
C LEU A 112 -0.29 -15.78 21.54
N LEU A 113 0.18 -14.71 20.92
CA LEU A 113 0.93 -13.66 21.58
C LEU A 113 0.11 -12.38 21.67
N ASP A 114 0.37 -11.60 22.72
CA ASP A 114 -0.26 -10.30 22.90
C ASP A 114 0.72 -9.18 22.60
N ARG A 115 0.34 -7.96 22.96
CA ARG A 115 1.15 -6.79 22.60
C ARG A 115 2.51 -6.80 23.30
N ASN A 116 2.52 -6.99 24.62
CA ASN A 116 3.77 -6.91 25.36
C ASN A 116 4.70 -8.09 25.10
N GLN A 117 4.16 -9.23 24.67
CA GLN A 117 5.04 -10.37 24.36
C GLN A 117 5.91 -10.09 23.14
N GLY A 118 5.45 -9.23 22.23
CA GLY A 118 6.26 -8.83 21.10
C GLY A 118 7.46 -7.97 21.46
N LYS A 119 7.50 -7.41 22.68
CA LYS A 119 8.63 -6.59 23.09
C LYS A 119 9.91 -7.41 23.25
N CYS A 120 9.80 -8.74 23.36
CA CYS A 120 10.98 -9.58 23.53
C CYS A 120 11.86 -9.62 22.28
N VAL A 121 11.46 -8.98 21.19
CA VAL A 121 12.26 -8.89 19.99
C VAL A 121 12.46 -7.42 19.65
N GLU A 122 13.67 -7.07 19.21
CA GLU A 122 14.02 -5.68 18.96
C GLU A 122 13.26 -5.16 17.74
N GLY A 123 12.29 -4.28 18.00
CA GLY A 123 11.51 -3.66 16.94
C GLY A 123 10.27 -4.43 16.53
N MET A 124 10.00 -5.57 17.15
CA MET A 124 8.82 -6.36 16.80
C MET A 124 7.53 -5.74 17.35
N VAL A 125 7.61 -5.03 18.46
CA VAL A 125 6.43 -4.44 19.09
C VAL A 125 5.75 -3.46 18.15
N GLU A 126 6.52 -2.79 17.29
CA GLU A 126 5.94 -1.83 16.36
C GLU A 126 5.07 -2.52 15.30
N ILE A 127 5.49 -3.69 14.84
CA ILE A 127 4.69 -4.43 13.87
C ILE A 127 3.47 -5.04 14.54
N PHE A 128 3.60 -5.44 15.81
CA PHE A 128 2.47 -6.00 16.54
C PHE A 128 1.31 -5.01 16.60
N ASP A 129 1.60 -3.73 16.86
CA ASP A 129 0.54 -2.74 16.98
C ASP A 129 -0.19 -2.55 15.65
N MET A 130 0.55 -2.54 14.54
CA MET A 130 -0.09 -2.43 13.24
C MET A 130 -0.91 -3.69 12.93
N LEU A 131 -0.41 -4.86 13.32
CA LEU A 131 -1.15 -6.10 13.09
C LEU A 131 -2.42 -6.16 13.93
N LEU A 132 -2.35 -5.73 15.18
CA LEU A 132 -3.52 -5.72 16.04
C LEU A 132 -4.57 -4.72 15.56
N ALA A 133 -4.12 -3.54 15.12
CA ALA A 133 -5.05 -2.55 14.61
C ALA A 133 -5.74 -3.03 13.34
N THR A 134 -5.05 -3.82 12.52
CA THR A 134 -5.69 -4.37 11.32
C THR A 134 -6.75 -5.40 11.70
N SER A 135 -6.44 -6.29 12.64
CA SER A 135 -7.42 -7.26 13.09
C SER A 135 -8.60 -6.59 13.79
N SER A 136 -8.34 -5.49 14.51
CA SER A 136 -9.43 -4.71 15.08
C SER A 136 -10.27 -4.08 13.98
N ARG A 137 -9.65 -3.72 12.85
CA ARG A 137 -10.41 -3.18 11.72
C ARG A 137 -11.29 -4.25 11.09
N PHE A 138 -10.75 -5.45 10.89
CA PHE A 138 -11.55 -6.56 10.39
C PHE A 138 -12.70 -6.87 11.34
N ARG A 139 -12.43 -6.81 12.65
CA ARG A 139 -13.48 -7.07 13.64
C ARG A 139 -14.53 -5.97 13.61
N MET A 140 -14.10 -4.71 13.51
CA MET A 140 -15.04 -3.60 13.45
C MET A 140 -15.93 -3.70 12.21
N MET A 141 -15.32 -4.00 11.05
CA MET A 141 -16.06 -4.16 9.82
C MET A 141 -16.79 -5.49 9.71
N ASN A 142 -16.52 -6.43 10.63
CA ASN A 142 -17.09 -7.77 10.60
C ASN A 142 -16.80 -8.43 9.25
N LEU A 143 -15.51 -8.58 8.97
CA LEU A 143 -15.07 -9.13 7.70
C LEU A 143 -15.50 -10.59 7.57
N GLN A 144 -16.04 -10.94 6.41
CA GLN A 144 -16.52 -12.28 6.16
C GLN A 144 -15.42 -13.13 5.54
N GLY A 145 -15.49 -14.44 5.79
CA GLY A 145 -14.50 -15.35 5.23
C GLY A 145 -14.51 -15.36 3.72
N GLU A 146 -15.68 -15.19 3.11
CA GLU A 146 -15.76 -15.11 1.65
C GLU A 146 -15.12 -13.82 1.14
N GLU A 147 -15.20 -12.73 1.90
CA GLU A 147 -14.50 -11.51 1.55
C GLU A 147 -13.00 -11.63 1.81
N PHE A 148 -12.62 -12.36 2.85
CA PHE A 148 -11.20 -12.51 3.17
C PHE A 148 -10.45 -13.25 2.07
N VAL A 149 -11.04 -14.32 1.54
CA VAL A 149 -10.36 -15.08 0.48
C VAL A 149 -10.27 -14.25 -0.79
N CYS A 150 -11.20 -13.31 -0.98
CA CYS A 150 -11.10 -12.41 -2.14
C CYS A 150 -9.98 -11.41 -1.96
N LEU A 151 -9.88 -10.81 -0.76
CA LEU A 151 -8.82 -9.84 -0.50
C LEU A 151 -7.45 -10.49 -0.59
N LYS A 152 -7.33 -11.74 -0.14
CA LYS A 152 -6.04 -12.42 -0.19
C LYS A 152 -5.62 -12.72 -1.62
N SER A 153 -6.57 -13.08 -2.48
CA SER A 153 -6.24 -13.35 -3.88
C SER A 153 -5.98 -12.07 -4.66
N ILE A 154 -6.57 -10.95 -4.23
CA ILE A 154 -6.26 -9.66 -4.86
C ILE A 154 -4.80 -9.30 -4.61
N ILE A 155 -4.34 -9.48 -3.36
CA ILE A 155 -2.95 -9.16 -3.02
C ILE A 155 -1.99 -9.99 -3.85
N LEU A 156 -2.31 -11.27 -4.07
CA LEU A 156 -1.43 -12.13 -4.83
C LEU A 156 -1.27 -11.62 -6.27
N LEU A 157 -2.33 -11.07 -6.84
CA LEU A 157 -2.31 -10.65 -8.23
C LEU A 157 -1.95 -9.19 -8.43
N ASN A 158 -2.14 -8.35 -7.41
CA ASN A 158 -1.98 -6.90 -7.55
C ASN A 158 -0.64 -6.38 -7.06
N SER A 159 -0.04 -7.02 -6.06
CA SER A 159 1.14 -6.45 -5.43
C SER A 159 2.35 -6.43 -6.35
N GLY A 160 2.39 -7.26 -7.38
CA GLY A 160 3.56 -7.29 -8.24
C GLY A 160 3.30 -6.96 -9.70
N VAL A 161 2.11 -6.45 -10.00
CA VAL A 161 1.69 -6.33 -11.39
C VAL A 161 2.26 -5.10 -12.10
N TYR A 162 2.66 -4.06 -11.36
CA TYR A 162 3.26 -2.88 -11.97
C TYR A 162 4.76 -3.02 -12.13
N THR A 163 5.31 -4.23 -12.02
CA THR A 163 6.74 -4.42 -12.20
C THR A 163 7.03 -5.19 -13.50
N LYS A 175 -0.10 -9.24 -18.24
CA LYS A 175 -0.46 -8.05 -17.48
C LYS A 175 -1.95 -7.74 -17.63
N ASP A 176 -2.42 -7.70 -18.88
CA ASP A 176 -3.83 -7.41 -19.12
C ASP A 176 -4.73 -8.54 -18.62
N HIS A 177 -4.19 -9.76 -18.53
CA HIS A 177 -4.97 -10.87 -17.98
C HIS A 177 -5.15 -10.73 -16.48
N ILE A 178 -4.10 -10.27 -15.78
CA ILE A 178 -4.19 -10.10 -14.33
C ILE A 178 -5.25 -9.06 -13.97
N HIS A 179 -5.29 -7.95 -14.71
CA HIS A 179 -6.29 -6.92 -14.43
C HIS A 179 -7.69 -7.39 -14.79
N ARG A 180 -7.83 -8.31 -15.74
CA ARG A 180 -9.14 -8.89 -16.02
C ARG A 180 -9.56 -9.85 -14.92
N VAL A 181 -8.61 -10.59 -14.35
CA VAL A 181 -8.92 -11.46 -13.22
C VAL A 181 -9.21 -10.64 -11.98
N LEU A 182 -8.47 -9.54 -11.78
CA LEU A 182 -8.73 -8.66 -10.64
C LEU A 182 -10.12 -8.08 -10.71
N ASP A 183 -10.55 -7.64 -11.89
CA ASP A 183 -11.92 -7.16 -12.06
C ASP A 183 -12.94 -8.27 -11.78
N LYS A 184 -12.59 -9.50 -12.13
CA LYS A 184 -13.49 -10.63 -11.82
C LYS A 184 -13.64 -10.80 -10.32
N ILE A 185 -12.55 -10.63 -9.56
CA ILE A 185 -12.63 -10.74 -8.11
C ILE A 185 -13.41 -9.58 -7.53
N THR A 186 -13.36 -8.40 -8.17
CA THR A 186 -14.15 -7.27 -7.68
C THR A 186 -15.64 -7.54 -7.81
N ASP A 187 -16.06 -8.13 -8.92
CA ASP A 187 -17.47 -8.45 -9.11
C ASP A 187 -17.94 -9.47 -8.08
N THR A 188 -17.09 -10.43 -7.73
CA THR A 188 -17.45 -11.41 -6.71
C THR A 188 -17.55 -10.76 -5.34
N LEU A 189 -16.70 -9.75 -5.06
CA LEU A 189 -16.83 -9.01 -3.80
C LEU A 189 -18.15 -8.27 -3.74
N ILE A 190 -18.51 -7.57 -4.81
CA ILE A 190 -19.81 -6.90 -4.86
C ILE A 190 -20.94 -7.93 -4.78
N HIS A 191 -20.75 -9.09 -5.40
CA HIS A 191 -21.76 -10.14 -5.35
C HIS A 191 -22.01 -10.61 -3.91
N LEU A 192 -20.95 -10.66 -3.09
CA LEU A 192 -21.13 -11.07 -1.70
C LEU A 192 -21.91 -10.03 -0.90
N MET A 193 -21.57 -8.75 -1.08
CA MET A 193 -22.27 -7.71 -0.34
C MET A 193 -23.70 -7.52 -0.83
N ALA A 194 -23.93 -7.72 -2.13
CA ALA A 194 -25.28 -7.56 -2.67
C ALA A 194 -26.23 -8.59 -2.10
N LYS A 195 -25.81 -9.86 -2.06
CA LYS A 195 -26.66 -10.90 -1.49
C LYS A 195 -26.73 -10.84 0.03
N ALA A 196 -26.04 -9.90 0.67
CA ALA A 196 -26.10 -9.71 2.10
C ALA A 196 -27.10 -8.63 2.53
N GLY A 197 -27.62 -7.84 1.58
CA GLY A 197 -28.61 -6.84 1.88
C GLY A 197 -28.12 -5.42 1.91
N LEU A 198 -26.87 -5.16 1.53
CA LEU A 198 -26.33 -3.82 1.54
C LEU A 198 -26.74 -3.06 0.28
N THR A 199 -27.13 -1.80 0.46
CA THR A 199 -27.53 -0.97 -0.66
C THR A 199 -26.34 -0.66 -1.55
N LEU A 200 -26.63 -0.15 -2.75
CA LEU A 200 -25.58 0.17 -3.70
C LEU A 200 -24.54 1.12 -3.10
N GLN A 201 -24.99 2.09 -2.31
CA GLN A 201 -24.04 2.98 -1.64
C GLN A 201 -23.22 2.22 -0.61
N GLN A 202 -23.87 1.36 0.18
CA GLN A 202 -23.14 0.57 1.17
C GLN A 202 -22.18 -0.42 0.51
N GLN A 203 -22.48 -0.83 -0.72
CA GLN A 203 -21.64 -1.81 -1.39
C GLN A 203 -20.28 -1.23 -1.77
N HIS A 204 -20.28 -0.10 -2.50
CA HIS A 204 -19.01 0.49 -2.91
C HIS A 204 -18.32 1.23 -1.77
N GLN A 205 -19.05 1.62 -0.72
CA GLN A 205 -18.40 2.18 0.45
C GLN A 205 -17.63 1.13 1.23
N ARG A 206 -18.23 -0.05 1.41
CA ARG A 206 -17.51 -1.15 2.04
C ARG A 206 -16.40 -1.69 1.15
N LEU A 207 -16.62 -1.69 -0.17
CA LEU A 207 -15.58 -2.10 -1.11
C LEU A 207 -14.34 -1.22 -0.96
N ALA A 208 -14.54 0.09 -0.82
CA ALA A 208 -13.41 0.99 -0.65
C ALA A 208 -12.69 0.75 0.68
N GLN A 209 -13.46 0.47 1.74
CA GLN A 209 -12.86 0.24 3.04
C GLN A 209 -11.98 -1.00 3.05
N LEU A 210 -12.35 -2.04 2.31
CA LEU A 210 -11.53 -3.24 2.24
C LEU A 210 -10.23 -2.98 1.50
N LEU A 211 -10.33 -2.34 0.32
CA LEU A 211 -9.15 -2.15 -0.51
C LEU A 211 -8.17 -1.15 0.09
N LEU A 212 -8.67 -0.22 0.92
CA LEU A 212 -7.75 0.71 1.57
C LEU A 212 -6.93 0.03 2.65
N ILE A 213 -7.44 -1.06 3.22
CA ILE A 213 -6.64 -1.84 4.17
C ILE A 213 -5.43 -2.44 3.47
N LEU A 214 -5.57 -2.79 2.19
CA LEU A 214 -4.46 -3.37 1.44
C LEU A 214 -3.27 -2.41 1.36
N SER A 215 -3.53 -1.10 1.47
CA SER A 215 -2.44 -0.15 1.54
C SER A 215 -1.69 -0.29 2.86
N HIS A 216 -2.43 -0.50 3.96
CA HIS A 216 -1.78 -0.67 5.25
CA HIS A 216 -1.78 -0.67 5.25
C HIS A 216 -1.13 -2.03 5.39
N ILE A 217 -1.70 -3.06 4.76
CA ILE A 217 -1.07 -4.38 4.78
C ILE A 217 0.23 -4.36 3.99
N ARG A 218 0.27 -3.60 2.91
CA ARG A 218 1.52 -3.43 2.17
C ARG A 218 2.56 -2.71 3.03
N HIS A 219 2.12 -1.76 3.85
CA HIS A 219 3.04 -1.05 4.74
C HIS A 219 3.62 -1.99 5.79
N MET A 220 2.76 -2.82 6.41
CA MET A 220 3.25 -3.78 7.39
C MET A 220 4.24 -4.76 6.77
N SER A 221 3.97 -5.18 5.53
CA SER A 221 4.87 -6.10 4.85
C SER A 221 6.25 -5.47 4.64
N ASN A 222 6.28 -4.21 4.21
CA ASN A 222 7.56 -3.55 3.96
C ASN A 222 8.35 -3.38 5.25
N LYS A 223 7.70 -2.85 6.29
CA LYS A 223 8.38 -2.72 7.57
C LYS A 223 8.70 -4.08 8.18
N GLY A 224 7.88 -5.09 7.91
CA GLY A 224 8.21 -6.44 8.35
C GLY A 224 9.31 -7.07 7.51
N MET A 225 9.41 -6.67 6.24
CA MET A 225 10.47 -7.19 5.39
C MET A 225 11.84 -6.68 5.85
N GLU A 226 11.91 -5.43 6.28
CA GLU A 226 13.16 -4.89 6.79
C GLU A 226 13.51 -5.46 8.16
N HIS A 227 12.50 -5.83 8.95
CA HIS A 227 12.76 -6.46 10.23
C HIS A 227 13.45 -7.81 10.04
N LEU A 228 12.92 -8.64 9.13
CA LEU A 228 13.57 -9.90 8.81
C LEU A 228 15.00 -9.68 8.32
N TYR A 229 15.17 -8.75 7.39
CA TYR A 229 16.51 -8.42 6.90
C TYR A 229 17.39 -7.89 8.02
N SER A 230 16.79 -7.22 9.00
CA SER A 230 17.54 -6.81 10.18
C SER A 230 17.90 -8.00 11.06
N MET A 231 16.96 -8.94 11.23
CA MET A 231 17.26 -10.14 12.02
C MET A 231 18.30 -11.02 11.33
N LYS A 232 18.35 -10.98 10.00
CA LYS A 232 19.34 -11.75 9.26
C LYS A 232 20.74 -11.20 9.49
N CYS A 233 20.90 -9.89 9.34
CA CYS A 233 22.20 -9.24 9.53
C CYS A 233 22.66 -9.27 10.99
N LYS A 234 21.71 -9.39 11.91
CA LYS A 234 22.04 -9.54 13.31
C LYS A 234 22.22 -11.03 13.64
N ASN A 235 21.72 -11.87 12.74
CA ASN A 235 21.79 -13.34 12.89
C ASN A 235 21.17 -13.77 14.22
N VAL A 236 19.95 -13.30 14.47
CA VAL A 236 19.24 -13.70 15.69
C VAL A 236 18.84 -15.17 15.62
N VAL A 237 18.49 -15.65 14.43
CA VAL A 237 18.11 -17.05 14.23
C VAL A 237 18.41 -17.43 12.79
N PRO A 238 18.87 -18.65 12.53
CA PRO A 238 19.09 -19.08 11.14
C PRO A 238 17.77 -19.11 10.36
N LEU A 239 17.85 -18.71 9.09
CA LEU A 239 16.69 -18.69 8.21
C LEU A 239 16.81 -19.80 7.17
N SER A 240 15.68 -20.39 6.83
CA SER A 240 15.68 -21.44 5.82
C SER A 240 16.03 -20.86 4.45
N ASP A 241 16.42 -21.76 3.54
CA ASP A 241 16.81 -21.32 2.20
C ASP A 241 15.62 -20.77 1.43
N LEU A 242 14.44 -21.37 1.61
CA LEU A 242 13.24 -20.85 0.95
C LEU A 242 12.91 -19.45 1.46
N LEU A 243 12.85 -19.29 2.78
CA LEU A 243 12.58 -17.98 3.35
C LEU A 243 13.66 -16.98 2.99
N LEU A 244 14.89 -17.44 2.82
CA LEU A 244 15.98 -16.55 2.41
C LEU A 244 15.78 -16.06 0.99
N GLU A 245 15.35 -16.95 0.08
CA GLU A 245 15.10 -16.54 -1.30
C GLU A 245 14.00 -15.50 -1.39
N MET A 246 12.91 -15.69 -0.64
CA MET A 246 11.83 -14.72 -0.63
C MET A 246 12.28 -13.38 -0.08
N LEU A 247 13.27 -13.38 0.81
CA LEU A 247 13.81 -12.14 1.36
C LEU A 247 14.81 -11.47 0.42
N ASP A 248 15.37 -12.20 -0.53
CA ASP A 248 16.29 -11.60 -1.48
C ASP A 248 15.57 -10.84 -2.59
N ALA A 249 14.30 -11.18 -2.86
CA ALA A 249 13.55 -10.47 -3.89
C ALA A 249 13.28 -9.02 -3.50
N HIS A 250 13.47 -8.67 -2.24
CA HIS A 250 13.36 -7.30 -1.75
C HIS A 250 14.73 -6.79 -1.35
N ARG A 251 15.09 -5.61 -1.84
CA ARG A 251 16.37 -4.98 -1.52
C ARG A 251 17.55 -5.87 -1.86
N LEU B 11 -19.85 15.96 7.05
CA LEU B 11 -19.69 16.94 5.97
C LEU B 11 -20.97 17.12 5.17
N SER B 12 -21.19 18.33 4.67
CA SER B 12 -22.36 18.65 3.87
C SER B 12 -22.02 18.96 2.42
N LEU B 13 -20.74 18.95 2.05
CA LEU B 13 -20.35 19.26 0.67
C LEU B 13 -20.83 18.15 -0.26
N THR B 14 -21.60 18.52 -1.28
CA THR B 14 -22.09 17.54 -2.24
C THR B 14 -20.94 17.06 -3.11
N ALA B 15 -21.23 16.09 -3.98
CA ALA B 15 -20.21 15.51 -4.83
C ALA B 15 -19.58 16.56 -5.74
N ASP B 16 -20.41 17.39 -6.37
CA ASP B 16 -19.87 18.44 -7.23
C ASP B 16 -19.12 19.50 -6.42
N GLN B 17 -19.56 19.76 -5.18
CA GLN B 17 -18.84 20.69 -4.32
C GLN B 17 -17.59 20.06 -3.74
N MET B 18 -17.60 18.74 -3.53
CA MET B 18 -16.41 18.04 -3.05
C MET B 18 -15.27 18.17 -4.06
N VAL B 19 -15.58 17.96 -5.35
CA VAL B 19 -14.55 18.03 -6.38
C VAL B 19 -14.03 19.46 -6.51
N SER B 20 -14.93 20.45 -6.48
CA SER B 20 -14.51 21.84 -6.65
C SER B 20 -13.56 22.26 -5.54
N ALA B 21 -13.86 21.86 -4.29
CA ALA B 21 -12.98 22.22 -3.18
C ALA B 21 -11.60 21.59 -3.35
N LEU B 22 -11.55 20.32 -3.77
CA LEU B 22 -10.27 19.66 -3.97
C LEU B 22 -9.51 20.27 -5.14
N LEU B 23 -10.18 20.47 -6.27
CA LEU B 23 -9.53 21.10 -7.42
C LEU B 23 -9.09 22.52 -7.12
N ASP B 24 -9.86 23.25 -6.32
CA ASP B 24 -9.47 24.61 -5.97
C ASP B 24 -8.25 24.63 -5.07
N ALA B 25 -8.04 23.57 -4.28
CA ALA B 25 -6.94 23.49 -3.34
C ALA B 25 -5.66 22.93 -3.96
N GLU B 26 -5.65 22.68 -5.26
CA GLU B 26 -4.50 22.08 -5.92
C GLU B 26 -3.25 22.90 -5.69
N PRO B 27 -2.19 22.31 -5.12
CA PRO B 27 -0.95 23.07 -4.91
C PRO B 27 -0.30 23.42 -6.23
N PRO B 28 0.55 24.43 -6.27
CA PRO B 28 1.22 24.80 -7.51
C PRO B 28 2.21 23.74 -7.97
N ILE B 29 2.69 23.92 -9.20
CA ILE B 29 3.74 23.09 -9.77
C ILE B 29 5.02 23.91 -9.68
N LEU B 30 5.83 23.62 -8.67
CA LEU B 30 7.04 24.41 -8.43
C LEU B 30 8.10 24.09 -9.48
N TYR B 31 8.98 25.05 -9.68
CA TYR B 31 10.14 24.88 -10.57
C TYR B 31 11.37 24.49 -9.74
N SER B 32 12.37 23.98 -10.44
CA SER B 32 13.67 23.67 -9.86
C SER B 32 14.72 24.60 -10.47
N GLU B 33 15.80 24.81 -9.70
CA GLU B 33 16.95 25.58 -10.18
C GLU B 33 17.87 24.75 -11.07
N TYR B 34 17.33 23.79 -11.82
CA TYR B 34 18.16 22.97 -12.69
C TYR B 34 18.71 23.79 -13.84
N ASP B 35 20.00 23.57 -14.14
CA ASP B 35 20.66 24.24 -15.26
C ASP B 35 20.94 23.22 -16.35
N PRO B 36 20.27 23.30 -17.52
CA PRO B 36 20.55 22.33 -18.59
C PRO B 36 22.00 22.32 -19.04
N THR B 37 22.77 23.36 -18.75
CA THR B 37 24.18 23.36 -19.11
C THR B 37 25.00 22.45 -18.20
N ARG B 38 24.59 22.30 -16.94
CA ARG B 38 25.33 21.50 -16.00
C ARG B 38 24.95 20.03 -16.13
N PRO B 39 25.89 19.14 -16.44
CA PRO B 39 25.56 17.71 -16.50
C PRO B 39 25.14 17.17 -15.14
N PHE B 40 24.67 15.94 -15.13
CA PHE B 40 24.11 15.33 -13.93
C PHE B 40 25.16 14.55 -13.17
N SER B 41 24.94 14.44 -11.86
CA SER B 41 25.72 13.60 -10.97
C SER B 41 24.83 13.20 -9.81
N GLU B 42 25.34 12.29 -8.97
CA GLU B 42 24.53 11.83 -7.83
C GLU B 42 24.31 12.96 -6.84
N ALA B 43 25.30 13.82 -6.64
CA ALA B 43 25.11 14.96 -5.74
C ALA B 43 24.25 16.03 -6.38
N SER B 44 24.46 16.29 -7.68
CA SER B 44 23.65 17.29 -8.37
C SER B 44 22.19 16.87 -8.44
N MET B 45 21.92 15.59 -8.70
CA MET B 45 20.55 15.14 -8.86
C MET B 45 19.83 15.03 -7.52
N MET B 46 20.50 14.50 -6.50
CA MET B 46 19.87 14.40 -5.19
C MET B 46 19.64 15.77 -4.56
N GLY B 47 20.51 16.74 -4.87
CA GLY B 47 20.27 18.08 -4.40
C GLY B 47 19.02 18.70 -5.00
N LEU B 48 18.78 18.44 -6.28
CA LEU B 48 17.61 19.01 -6.95
C LEU B 48 16.32 18.36 -6.46
N LEU B 49 16.33 17.04 -6.29
CA LEU B 49 15.09 16.35 -5.89
C LEU B 49 14.71 16.67 -4.45
N THR B 50 15.69 16.72 -3.54
CA THR B 50 15.39 17.03 -2.15
C THR B 50 15.02 18.50 -1.98
N ASN B 51 15.69 19.39 -2.73
CA ASN B 51 15.31 20.80 -2.70
C ASN B 51 13.89 20.98 -3.22
N LEU B 52 13.54 20.26 -4.30
CA LEU B 52 12.19 20.33 -4.83
C LEU B 52 11.17 19.74 -3.86
N ALA B 53 11.51 18.60 -3.25
CA ALA B 53 10.58 17.97 -2.31
C ALA B 53 10.42 18.81 -1.05
N ASP B 54 11.45 19.58 -0.67
CA ASP B 54 11.33 20.40 0.53
C ASP B 54 10.38 21.56 0.32
N ARG B 55 10.40 22.17 -0.86
CA ARG B 55 9.49 23.29 -1.13
C ARG B 55 8.07 22.81 -1.39
N GLU B 56 7.90 21.63 -1.98
CA GLU B 56 6.55 21.10 -2.17
C GLU B 56 5.90 20.72 -0.84
N LEU B 57 6.70 20.47 0.19
CA LEU B 57 6.13 20.13 1.50
C LEU B 57 5.34 21.29 2.08
N VAL B 58 5.88 22.50 1.99
CA VAL B 58 5.20 23.65 2.60
C VAL B 58 3.89 23.94 1.88
N HIS B 59 3.78 23.60 0.60
CA HIS B 59 2.53 23.78 -0.11
C HIS B 59 1.55 22.65 0.21
N MET B 60 2.06 21.44 0.40
CA MET B 60 1.20 20.32 0.79
C MET B 60 0.62 20.55 2.18
N ILE B 61 1.41 21.08 3.10
CA ILE B 61 0.93 21.36 4.45
C ILE B 61 -0.26 22.31 4.41
N ASN B 62 -0.21 23.30 3.51
CA ASN B 62 -1.32 24.21 3.33
C ASN B 62 -2.41 23.62 2.44
N TRP B 63 -2.07 22.64 1.59
CA TRP B 63 -3.10 21.92 0.84
C TRP B 63 -3.89 21.00 1.76
N ALA B 64 -3.22 20.39 2.74
CA ALA B 64 -3.90 19.49 3.67
C ALA B 64 -4.98 20.22 4.45
N LYS B 65 -4.70 21.46 4.87
CA LYS B 65 -5.70 22.24 5.61
C LYS B 65 -6.95 22.46 4.78
N ARG B 66 -6.82 22.56 3.46
CA ARG B 66 -7.97 22.76 2.59
C ARG B 66 -8.70 21.47 2.24
N VAL B 67 -8.11 20.32 2.55
CA VAL B 67 -8.79 19.04 2.34
C VAL B 67 -9.99 18.98 3.28
N PRO B 68 -11.20 18.78 2.75
CA PRO B 68 -12.40 18.86 3.60
C PRO B 68 -12.37 17.84 4.73
N GLY B 69 -12.49 18.35 5.96
CA GLY B 69 -12.48 17.53 7.15
C GLY B 69 -11.14 17.46 7.85
N PHE B 70 -10.06 17.93 7.22
CA PHE B 70 -8.74 17.78 7.80
C PHE B 70 -8.50 18.75 8.96
N VAL B 71 -9.07 19.95 8.88
CA VAL B 71 -8.91 20.92 9.96
C VAL B 71 -9.74 20.58 11.18
N ASP B 72 -10.79 19.76 11.03
CA ASP B 72 -11.58 19.34 12.17
C ASP B 72 -10.78 18.47 13.12
N LEU B 73 -9.75 17.78 12.61
CA LEU B 73 -8.92 16.93 13.45
C LEU B 73 -8.00 17.78 14.31
N THR B 74 -7.53 17.18 15.41
CA THR B 74 -6.62 17.87 16.31
C THR B 74 -5.28 18.12 15.62
N LEU B 75 -4.51 19.04 16.19
CA LEU B 75 -3.21 19.37 15.62
C LEU B 75 -2.28 18.16 15.65
N HIS B 76 -2.37 17.33 16.69
CA HIS B 76 -1.49 16.17 16.80
C HIS B 76 -1.85 15.11 15.77
N ASP B 77 -3.15 14.95 15.48
CA ASP B 77 -3.55 14.00 14.45
C ASP B 77 -3.15 14.49 13.06
N GLN B 78 -3.24 15.80 12.83
CA GLN B 78 -2.82 16.35 11.54
C GLN B 78 -1.34 16.11 11.29
N VAL B 79 -0.52 16.17 12.34
CA VAL B 79 0.90 15.88 12.20
C VAL B 79 1.11 14.41 11.82
N HIS B 80 0.34 13.51 12.42
CA HIS B 80 0.52 12.08 12.18
C HIS B 80 0.19 11.72 10.74
N LEU B 81 -0.94 12.22 10.22
CA LEU B 81 -1.35 11.89 8.86
C LEU B 81 -0.34 12.40 7.84
N LEU B 82 0.25 13.57 8.08
CA LEU B 82 1.21 14.13 7.14
C LEU B 82 2.57 13.43 7.25
N GLU B 83 2.99 13.09 8.46
CA GLU B 83 4.29 12.46 8.66
C GLU B 83 4.40 11.10 7.96
N CYS B 84 3.26 10.44 7.79
CA CYS B 84 3.25 9.07 7.30
C CYS B 84 2.94 9.00 5.80
N ALA B 85 2.25 10.01 5.27
CA ALA B 85 1.79 9.98 3.89
C ALA B 85 2.39 11.08 3.00
N TRP B 86 3.35 11.85 3.52
CA TRP B 86 3.86 13.00 2.78
C TRP B 86 4.54 12.55 1.48
N LEU B 87 5.41 11.54 1.56
CA LEU B 87 6.09 11.08 0.35
C LEU B 87 5.15 10.33 -0.57
N GLU B 88 4.07 9.75 -0.03
CA GLU B 88 3.02 9.19 -0.87
C GLU B 88 2.35 10.27 -1.70
N ILE B 89 2.05 11.41 -1.08
CA ILE B 89 1.38 12.50 -1.78
C ILE B 89 2.30 13.13 -2.79
N LEU B 90 3.60 13.27 -2.47
CA LEU B 90 4.55 13.80 -3.42
C LEU B 90 4.69 12.89 -4.63
N MET B 91 4.74 11.57 -4.41
CA MET B 91 4.97 10.66 -5.52
C MET B 91 3.74 10.56 -6.43
N ILE B 92 2.53 10.53 -5.85
CA ILE B 92 1.34 10.46 -6.69
C ILE B 92 1.15 11.75 -7.48
N GLY B 93 1.52 12.89 -6.90
CA GLY B 93 1.52 14.13 -7.66
C GLY B 93 2.53 14.09 -8.79
N LEU B 94 3.71 13.52 -8.53
CA LEU B 94 4.70 13.35 -9.59
C LEU B 94 4.18 12.45 -10.70
N VAL B 95 3.62 11.30 -10.30
CA VAL B 95 3.06 10.35 -11.27
C VAL B 95 1.97 11.00 -12.10
N TRP B 96 1.18 11.90 -11.49
CA TRP B 96 0.09 12.55 -12.21
C TRP B 96 0.62 13.55 -13.23
N ARG B 97 1.70 14.26 -12.90
CA ARG B 97 2.25 15.24 -13.83
C ARG B 97 2.94 14.57 -15.02
N SER B 98 3.58 13.42 -14.79
CA SER B 98 4.28 12.69 -15.83
C SER B 98 3.34 11.84 -16.69
N MET B 99 2.03 12.03 -16.55
CA MET B 99 1.07 11.18 -17.26
C MET B 99 1.19 11.32 -18.76
N GLU B 100 1.25 12.56 -19.25
CA GLU B 100 1.38 12.84 -20.67
C GLU B 100 2.83 12.95 -21.14
N HIS B 101 3.76 12.33 -20.40
CA HIS B 101 5.18 12.30 -20.78
C HIS B 101 5.69 10.88 -20.58
N PRO B 102 5.35 9.97 -21.48
CA PRO B 102 5.71 8.57 -21.29
C PRO B 102 7.22 8.36 -21.34
N GLY B 103 7.69 7.42 -20.53
CA GLY B 103 9.10 7.12 -20.41
C GLY B 103 9.90 8.11 -19.59
N LYS B 104 9.27 9.16 -19.08
CA LYS B 104 9.97 10.19 -18.32
C LYS B 104 9.19 10.50 -17.04
N LEU B 105 9.89 11.09 -16.08
CA LEU B 105 9.30 11.56 -14.84
C LEU B 105 9.40 13.08 -14.79
N LEU B 106 8.24 13.74 -14.82
CA LEU B 106 8.17 15.20 -14.84
C LEU B 106 8.22 15.71 -13.40
N PHE B 107 9.44 15.79 -12.87
CA PHE B 107 9.63 16.33 -11.53
C PHE B 107 9.30 17.82 -11.49
N ALA B 108 9.73 18.56 -12.50
CA ALA B 108 9.45 19.98 -12.64
C ALA B 108 9.34 20.30 -14.13
N PRO B 109 8.59 21.35 -14.51
CA PRO B 109 8.42 21.66 -15.93
C PRO B 109 9.75 21.84 -16.67
N ASN B 110 10.83 22.06 -15.93
CA ASN B 110 12.17 22.16 -16.49
C ASN B 110 13.05 20.99 -16.06
N LEU B 111 12.45 19.89 -15.60
CA LEU B 111 13.21 18.74 -15.09
C LEU B 111 12.51 17.45 -15.55
N LEU B 112 12.77 17.05 -16.79
CA LEU B 112 12.35 15.77 -17.32
C LEU B 112 13.51 14.79 -17.18
N LEU B 113 13.30 13.71 -16.44
CA LEU B 113 14.33 12.72 -16.20
C LEU B 113 13.96 11.40 -16.85
N ASP B 114 14.95 10.73 -17.42
CA ASP B 114 14.74 9.43 -18.05
C ASP B 114 15.02 8.31 -17.06
N ARG B 115 14.64 7.09 -17.45
CA ARG B 115 14.99 5.92 -16.65
C ARG B 115 16.50 5.71 -16.60
N ASN B 116 17.21 6.08 -17.67
CA ASN B 116 18.66 5.99 -17.69
C ASN B 116 19.29 7.11 -16.89
N GLN B 117 18.69 8.31 -16.93
CA GLN B 117 19.20 9.41 -16.12
C GLN B 117 19.07 9.13 -14.63
N GLY B 118 18.04 8.38 -14.24
CA GLY B 118 17.87 8.00 -12.85
C GLY B 118 18.93 7.04 -12.33
N LYS B 119 19.79 6.52 -13.20
CA LYS B 119 20.87 5.65 -12.78
C LYS B 119 22.07 6.41 -12.22
N CYS B 120 22.08 7.74 -12.33
CA CYS B 120 23.17 8.51 -11.76
C CYS B 120 23.18 8.46 -10.24
N VAL B 121 22.08 8.01 -9.63
CA VAL B 121 21.98 7.85 -8.18
C VAL B 121 21.81 6.36 -7.89
N GLU B 122 22.59 5.86 -6.93
CA GLU B 122 22.53 4.44 -6.59
C GLU B 122 21.19 4.10 -5.96
N GLY B 123 20.58 3.00 -6.41
CA GLY B 123 19.29 2.58 -5.91
C GLY B 123 18.13 3.41 -6.37
N MET B 124 18.34 4.34 -7.30
CA MET B 124 17.29 5.23 -7.78
C MET B 124 16.60 4.70 -9.03
N VAL B 125 17.27 3.85 -9.81
CA VAL B 125 16.68 3.35 -11.05
C VAL B 125 15.47 2.47 -10.77
N GLU B 126 15.52 1.69 -9.67
CA GLU B 126 14.40 0.82 -9.35
C GLU B 126 13.16 1.61 -8.94
N ILE B 127 13.35 2.76 -8.30
CA ILE B 127 12.21 3.61 -7.94
C ILE B 127 11.68 4.33 -9.17
N PHE B 128 12.55 4.66 -10.13
CA PHE B 128 12.08 5.29 -11.37
C PHE B 128 11.14 4.38 -12.14
N ASP B 129 11.43 3.08 -12.18
CA ASP B 129 10.58 2.15 -12.92
C ASP B 129 9.17 2.09 -12.34
N MET B 130 9.07 1.96 -11.01
CA MET B 130 7.75 1.92 -10.38
C MET B 130 6.99 3.22 -10.59
N LEU B 131 7.67 4.36 -10.44
CA LEU B 131 7.03 5.63 -10.73
C LEU B 131 6.64 5.74 -12.20
N LEU B 132 7.50 5.25 -13.09
CA LEU B 132 7.16 5.23 -14.51
C LEU B 132 5.98 4.29 -14.77
N ALA B 133 6.02 3.10 -14.18
CA ALA B 133 4.95 2.13 -14.39
C ALA B 133 3.63 2.64 -13.82
N THR B 134 3.68 3.34 -12.69
CA THR B 134 2.48 3.91 -12.13
C THR B 134 1.90 4.99 -13.04
N SER B 135 2.77 5.82 -13.61
CA SER B 135 2.30 6.85 -14.56
C SER B 135 1.77 6.20 -15.82
N SER B 136 2.41 5.12 -16.28
CA SER B 136 1.86 4.37 -17.40
C SER B 136 0.51 3.76 -17.06
N ARG B 137 0.30 3.42 -15.78
CA ARG B 137 -0.99 2.89 -15.36
C ARG B 137 -2.07 3.97 -15.41
N PHE B 138 -1.75 5.18 -14.93
CA PHE B 138 -2.70 6.28 -15.03
C PHE B 138 -3.04 6.60 -16.49
N ARG B 139 -2.07 6.41 -17.39
CA ARG B 139 -2.33 6.67 -18.80
C ARG B 139 -3.26 5.63 -19.39
N MET B 140 -3.07 4.36 -19.04
CA MET B 140 -3.97 3.30 -19.50
C MET B 140 -5.40 3.57 -19.05
N MET B 141 -5.60 3.79 -17.75
CA MET B 141 -6.92 4.12 -17.24
C MET B 141 -7.40 5.48 -17.68
N ASN B 142 -6.50 6.33 -18.21
CA ASN B 142 -6.80 7.71 -18.54
C ASN B 142 -7.42 8.42 -17.33
N LEU B 143 -6.60 8.52 -16.28
CA LEU B 143 -7.06 9.10 -15.02
C LEU B 143 -7.41 10.58 -15.22
N GLN B 144 -8.55 10.96 -14.67
CA GLN B 144 -9.01 12.35 -14.74
C GLN B 144 -8.58 13.12 -13.51
N GLY B 145 -8.51 14.45 -13.67
CA GLY B 145 -8.12 15.30 -12.55
C GLY B 145 -9.10 15.26 -11.40
N GLU B 146 -10.38 15.04 -11.70
CA GLU B 146 -11.38 14.92 -10.63
C GLU B 146 -11.11 13.70 -9.77
N GLU B 147 -10.63 12.61 -10.37
CA GLU B 147 -10.31 11.41 -9.60
C GLU B 147 -8.94 11.51 -8.93
N PHE B 148 -8.01 12.25 -9.54
CA PHE B 148 -6.69 12.41 -8.95
C PHE B 148 -6.76 13.18 -7.64
N VAL B 149 -7.53 14.27 -7.61
CA VAL B 149 -7.66 15.04 -6.38
C VAL B 149 -8.40 14.24 -5.31
N CYS B 150 -9.24 13.30 -5.72
CA CYS B 150 -9.91 12.43 -4.75
C CYS B 150 -8.93 11.42 -4.16
N LEU B 151 -8.12 10.80 -5.02
CA LEU B 151 -7.14 9.82 -4.53
C LEU B 151 -6.12 10.47 -3.61
N LYS B 152 -5.61 11.64 -3.99
CA LYS B 152 -4.58 12.30 -3.20
C LYS B 152 -5.10 12.65 -1.81
N SER B 153 -6.36 13.07 -1.71
CA SER B 153 -6.98 13.33 -0.42
C SER B 153 -7.31 12.05 0.35
N ILE B 154 -7.50 10.94 -0.35
CA ILE B 154 -7.70 9.66 0.33
C ILE B 154 -6.42 9.21 1.00
N ILE B 155 -5.29 9.32 0.30
CA ILE B 155 -3.99 8.98 0.87
C ILE B 155 -3.75 9.77 2.15
N LEU B 156 -4.16 11.04 2.17
CA LEU B 156 -3.92 11.88 3.33
C LEU B 156 -4.67 11.36 4.55
N LEU B 157 -5.90 10.90 4.36
CA LEU B 157 -6.77 10.50 5.46
C LEU B 157 -6.77 9.00 5.74
N ASN B 158 -6.05 8.21 4.96
CA ASN B 158 -6.08 6.76 5.09
C ASN B 158 -4.75 6.15 5.51
N SER B 159 -3.62 6.71 5.08
CA SER B 159 -2.33 6.05 5.30
C SER B 159 -1.92 6.04 6.76
N GLY B 160 -2.54 6.86 7.61
CA GLY B 160 -2.13 6.95 9.00
C GLY B 160 -3.25 6.78 10.01
N VAL B 161 -4.47 6.53 9.54
CA VAL B 161 -5.60 6.39 10.45
C VAL B 161 -5.51 5.12 11.29
N TYR B 162 -4.82 4.09 10.79
CA TYR B 162 -4.70 2.85 11.56
C TYR B 162 -3.68 2.95 12.68
N THR B 163 -2.60 3.72 12.47
CA THR B 163 -1.58 3.91 13.50
C THR B 163 -2.01 4.90 14.58
N PHE B 164 -3.26 4.83 15.02
CA PHE B 164 -3.77 5.69 16.08
C PHE B 164 -3.68 4.99 17.44
N SER B 171 -10.95 9.96 20.67
CA SER B 171 -10.07 9.43 19.64
C SER B 171 -10.85 8.51 18.69
N LEU B 172 -11.76 7.72 19.27
CA LEU B 172 -12.63 6.90 18.43
C LEU B 172 -13.61 7.75 17.63
N GLU B 173 -14.01 8.90 18.17
CA GLU B 173 -14.87 9.81 17.43
C GLU B 173 -14.10 10.51 16.31
N GLU B 174 -12.81 10.77 16.52
CA GLU B 174 -11.98 11.33 15.45
C GLU B 174 -11.78 10.32 14.34
N LYS B 175 -11.50 9.06 14.70
CA LYS B 175 -11.43 8.00 13.70
C LYS B 175 -12.78 7.80 13.04
N ASP B 176 -13.87 7.95 13.80
CA ASP B 176 -15.21 7.89 13.23
C ASP B 176 -15.40 8.99 12.19
N HIS B 177 -14.93 10.19 12.49
CA HIS B 177 -15.06 11.30 11.54
C HIS B 177 -14.29 11.03 10.26
N ILE B 178 -13.07 10.49 10.38
CA ILE B 178 -12.27 10.17 9.20
C ILE B 178 -12.99 9.13 8.34
N HIS B 179 -13.58 8.12 8.98
CA HIS B 179 -14.28 7.11 8.22
CA HIS B 179 -14.30 7.10 8.25
C HIS B 179 -15.51 7.68 7.52
N ARG B 180 -16.12 8.73 8.07
CA ARG B 180 -17.23 9.37 7.40
C ARG B 180 -16.76 10.26 6.26
N VAL B 181 -15.62 10.93 6.43
CA VAL B 181 -15.07 11.75 5.36
C VAL B 181 -14.57 10.88 4.22
N LEU B 182 -13.99 9.72 4.55
CA LEU B 182 -13.54 8.81 3.52
C LEU B 182 -14.71 8.26 2.71
N ASP B 183 -15.82 7.93 3.38
CA ASP B 183 -16.99 7.45 2.66
C ASP B 183 -17.55 8.52 1.73
N LYS B 184 -17.37 9.80 2.07
CA LYS B 184 -17.84 10.87 1.20
C LYS B 184 -17.01 10.93 -0.08
N ILE B 185 -15.69 10.86 0.04
CA ILE B 185 -14.83 10.87 -1.15
C ILE B 185 -15.08 9.63 -1.99
N THR B 186 -15.46 8.51 -1.37
CA THR B 186 -15.82 7.32 -2.13
C THR B 186 -17.06 7.58 -2.98
N ASP B 187 -18.12 8.12 -2.36
CA ASP B 187 -19.32 8.43 -3.12
C ASP B 187 -19.02 9.48 -4.20
N THR B 188 -18.13 10.41 -3.90
CA THR B 188 -17.73 11.40 -4.90
C THR B 188 -17.07 10.73 -6.10
N LEU B 189 -16.20 9.74 -5.86
CA LEU B 189 -15.56 9.02 -6.95
C LEU B 189 -16.59 8.26 -7.78
N ILE B 190 -17.53 7.59 -7.12
CA ILE B 190 -18.57 6.86 -7.85
C ILE B 190 -19.46 7.83 -8.62
N HIS B 191 -19.70 9.02 -8.06
CA HIS B 191 -20.52 10.01 -8.75
C HIS B 191 -19.85 10.47 -10.05
N LEU B 192 -18.53 10.68 -10.01
CA LEU B 192 -17.82 11.09 -11.22
C LEU B 192 -17.87 10.00 -12.29
N MET B 193 -17.71 8.75 -11.89
CA MET B 193 -17.78 7.65 -12.85
C MET B 193 -19.18 7.47 -13.40
N ALA B 194 -20.21 7.78 -12.61
CA ALA B 194 -21.58 7.69 -13.09
C ALA B 194 -21.86 8.73 -14.16
N LYS B 195 -21.52 10.00 -13.87
CA LYS B 195 -21.71 11.05 -14.86
C LYS B 195 -20.83 10.86 -16.09
N ALA B 196 -19.70 10.14 -15.95
CA ALA B 196 -18.82 9.88 -17.08
C ALA B 196 -19.40 8.86 -18.05
N GLY B 197 -20.45 8.14 -17.67
CA GLY B 197 -21.08 7.19 -18.56
C GLY B 197 -20.56 5.78 -18.42
N LEU B 198 -20.27 5.36 -17.20
CA LEU B 198 -19.83 4.00 -16.90
C LEU B 198 -20.96 3.22 -16.26
N THR B 199 -21.11 1.97 -16.67
CA THR B 199 -22.16 1.13 -16.10
C THR B 199 -21.85 0.83 -14.63
N LEU B 200 -22.88 0.32 -13.94
CA LEU B 200 -22.74 0.05 -12.51
C LEU B 200 -21.63 -0.95 -12.22
N GLN B 201 -21.35 -1.85 -13.17
CA GLN B 201 -20.25 -2.78 -13.00
C GLN B 201 -18.90 -2.12 -13.29
N GLN B 202 -18.87 -1.20 -14.26
CA GLN B 202 -17.62 -0.52 -14.60
C GLN B 202 -17.21 0.48 -13.53
N GLN B 203 -18.19 1.06 -12.82
CA GLN B 203 -17.85 1.99 -11.74
C GLN B 203 -17.15 1.27 -10.60
N HIS B 204 -17.62 0.07 -10.24
CA HIS B 204 -16.98 -0.70 -9.18
C HIS B 204 -15.58 -1.13 -9.57
N GLN B 205 -15.39 -1.56 -10.82
CA GLN B 205 -14.08 -2.01 -11.26
C GLN B 205 -13.09 -0.86 -11.27
N ARG B 206 -13.45 0.27 -11.88
CA ARG B 206 -12.55 1.42 -11.91
C ARG B 206 -12.25 1.92 -10.51
N LEU B 207 -13.24 1.89 -9.61
CA LEU B 207 -13.00 2.25 -8.23
C LEU B 207 -11.97 1.31 -7.60
N ALA B 208 -12.10 0.01 -7.85
CA ALA B 208 -11.12 -0.95 -7.35
C ALA B 208 -9.75 -0.74 -7.96
N GLN B 209 -9.70 -0.53 -9.28
CA GLN B 209 -8.42 -0.27 -9.94
C GLN B 209 -7.76 0.97 -9.37
N LEU B 210 -8.55 2.00 -9.05
CA LEU B 210 -7.98 3.22 -8.50
C LEU B 210 -7.47 3.04 -7.08
N LEU B 211 -8.06 2.14 -6.31
CA LEU B 211 -7.63 1.94 -4.94
C LEU B 211 -6.45 0.97 -4.84
N LEU B 212 -6.28 0.09 -5.83
CA LEU B 212 -5.16 -0.84 -5.77
C LEU B 212 -3.85 -0.16 -6.12
N ILE B 213 -3.88 0.93 -6.90
CA ILE B 213 -2.65 1.67 -7.16
C ILE B 213 -2.16 2.33 -5.88
N LEU B 214 -3.07 2.63 -4.95
CA LEU B 214 -2.68 3.20 -3.66
C LEU B 214 -1.84 2.21 -2.85
N SER B 215 -1.97 0.92 -3.13
CA SER B 215 -1.09 -0.07 -2.50
C SER B 215 0.33 0.05 -3.05
N HIS B 216 0.46 0.26 -4.37
CA HIS B 216 1.78 0.43 -4.96
CA HIS B 216 1.78 0.43 -4.96
C HIS B 216 2.41 1.75 -4.55
N ILE B 217 1.60 2.79 -4.37
CA ILE B 217 2.14 4.08 -3.94
C ILE B 217 2.71 3.97 -2.54
N ARG B 218 2.01 3.25 -1.65
CA ARG B 218 2.57 2.95 -0.34
C ARG B 218 3.91 2.23 -0.46
N HIS B 219 4.01 1.31 -1.42
CA HIS B 219 5.26 0.59 -1.62
C HIS B 219 6.35 1.52 -2.12
N MET B 220 6.05 2.33 -3.14
CA MET B 220 7.02 3.30 -3.64
C MET B 220 7.43 4.27 -2.54
N SER B 221 6.48 4.68 -1.70
CA SER B 221 6.82 5.56 -0.58
C SER B 221 7.77 4.87 0.39
N ASN B 222 7.49 3.60 0.73
CA ASN B 222 8.33 2.88 1.68
C ASN B 222 9.76 2.77 1.16
N LYS B 223 9.93 2.27 -0.07
CA LYS B 223 11.26 2.20 -0.66
C LYS B 223 11.84 3.60 -0.90
N GLY B 224 10.99 4.57 -1.24
CA GLY B 224 11.47 5.94 -1.33
C GLY B 224 11.87 6.49 0.03
N MET B 225 11.08 6.21 1.06
CA MET B 225 11.45 6.61 2.42
C MET B 225 12.73 5.87 2.84
N GLU B 226 12.81 4.58 2.53
CA GLU B 226 14.00 3.81 2.82
C GLU B 226 15.22 4.32 2.05
N HIS B 227 15.00 4.84 0.84
CA HIS B 227 16.11 5.38 0.05
C HIS B 227 16.61 6.70 0.62
N LEU B 228 15.69 7.55 1.11
CA LEU B 228 16.09 8.83 1.67
C LEU B 228 16.97 8.66 2.91
N TYR B 229 16.74 7.60 3.68
CA TYR B 229 17.56 7.37 4.87
C TYR B 229 18.97 6.93 4.49
N SER B 230 19.13 6.25 3.35
CA SER B 230 20.46 5.86 2.89
C SER B 230 21.30 7.07 2.52
N MET B 231 20.68 8.07 1.87
CA MET B 231 21.42 9.27 1.49
C MET B 231 21.83 10.07 2.72
N LYS B 232 20.98 10.09 3.75
CA LYS B 232 21.27 10.79 4.99
C LYS B 232 22.52 10.21 5.67
N CYS B 233 22.63 8.89 5.68
CA CYS B 233 23.78 8.23 6.28
C CYS B 233 25.01 8.30 5.40
N LYS B 234 24.81 8.24 4.09
CA LYS B 234 25.91 8.41 3.15
C LYS B 234 26.31 9.88 3.11
N ASN B 235 25.37 10.75 3.49
CA ASN B 235 25.58 12.20 3.53
C ASN B 235 26.04 12.73 2.18
N VAL B 236 25.39 12.25 1.11
CA VAL B 236 25.72 12.71 -0.23
C VAL B 236 25.39 14.20 -0.38
N VAL B 237 24.13 14.55 -0.12
CA VAL B 237 23.69 15.93 -0.12
C VAL B 237 22.94 16.19 1.19
N PRO B 238 23.24 17.27 1.89
CA PRO B 238 22.50 17.56 3.14
C PRO B 238 21.02 17.71 2.89
N LEU B 239 20.23 17.30 3.87
CA LEU B 239 18.77 17.34 3.80
C LEU B 239 18.24 18.54 4.57
N SER B 240 17.07 19.01 4.15
CA SER B 240 16.44 20.17 4.77
C SER B 240 16.03 19.83 6.21
N ASP B 241 15.87 20.89 7.02
CA ASP B 241 15.44 20.70 8.39
C ASP B 241 14.03 20.12 8.45
N LEU B 242 13.14 20.58 7.56
CA LEU B 242 11.80 20.00 7.51
C LEU B 242 11.83 18.59 6.93
N LEU B 243 12.63 18.37 5.89
CA LEU B 243 12.68 17.06 5.25
C LEU B 243 13.27 16.01 6.18
N LEU B 244 14.16 16.41 7.09
CA LEU B 244 14.75 15.46 8.04
C LEU B 244 13.78 15.08 9.14
N GLU B 245 12.90 16.01 9.56
CA GLU B 245 11.92 15.67 10.58
C GLU B 245 10.94 14.63 10.08
N MET B 246 10.55 14.71 8.80
CA MET B 246 9.69 13.69 8.22
C MET B 246 10.39 12.35 8.15
N LEU B 247 11.71 12.35 7.98
CA LEU B 247 12.45 11.10 7.82
C LEU B 247 12.56 10.35 9.14
N ASP B 248 12.74 11.07 10.25
CA ASP B 248 12.82 10.42 11.55
C ASP B 248 11.47 9.85 11.99
N ALA B 249 10.37 10.29 11.38
CA ALA B 249 9.06 9.74 11.74
C ALA B 249 8.95 8.28 11.33
N HIS B 250 9.49 7.92 10.17
CA HIS B 250 9.41 6.54 9.70
C HIS B 250 10.51 5.68 10.33
N ARG B 251 11.73 6.18 10.38
CA ARG B 251 12.85 5.42 10.92
C ARG B 251 13.87 6.34 11.59
N LYS C 3 16.74 -21.62 -6.85
CA LYS C 3 15.37 -21.13 -6.85
C LYS C 3 14.40 -22.20 -6.36
N ILE C 4 14.22 -22.27 -5.04
CA ILE C 4 13.32 -23.26 -4.46
C ILE C 4 11.88 -22.99 -4.87
N LEU C 5 11.52 -21.70 -5.01
CA LEU C 5 10.16 -21.36 -5.41
C LEU C 5 9.81 -21.92 -6.78
N HIS C 6 10.79 -21.99 -7.69
CA HIS C 6 10.54 -22.60 -9.00
C HIS C 6 10.22 -24.08 -8.86
N ARG C 7 10.87 -24.77 -7.92
CA ARG C 7 10.66 -26.20 -7.75
C ARG C 7 9.28 -26.48 -7.17
N LEU C 8 8.83 -25.67 -6.22
CA LEU C 8 7.54 -25.88 -5.57
C LEU C 8 6.36 -25.48 -6.44
N LEU C 9 6.57 -24.57 -7.40
CA LEU C 9 5.47 -24.12 -8.24
C LEU C 9 5.04 -25.18 -9.25
N GLN C 10 5.94 -26.09 -9.61
CA GLN C 10 5.62 -27.18 -10.52
C GLN C 10 5.65 -28.54 -9.83
N ASP C 11 5.46 -28.56 -8.51
CA ASP C 11 5.40 -29.78 -7.72
C ASP C 11 6.64 -30.65 -7.91
N LYS D 3 9.42 20.39 15.96
CA LYS D 3 8.11 20.13 15.35
C LYS D 3 7.77 21.21 14.32
N ILE D 4 8.52 21.25 13.23
CA ILE D 4 8.26 22.22 12.17
C ILE D 4 6.87 22.01 11.59
N LEU D 5 6.50 20.74 11.36
CA LEU D 5 5.17 20.45 10.82
C LEU D 5 4.07 20.96 11.73
N HIS D 6 4.23 20.79 13.04
CA HIS D 6 3.24 21.31 13.98
C HIS D 6 3.19 22.83 13.95
N ARG D 7 4.34 23.48 13.72
CA ARG D 7 4.35 24.94 13.64
C ARG D 7 3.68 25.42 12.36
N LEU D 8 4.07 24.86 11.22
CA LEU D 8 3.48 25.27 9.95
C LEU D 8 1.99 24.96 9.90
N LEU D 9 1.55 23.91 10.60
CA LEU D 9 0.13 23.62 10.70
C LEU D 9 -0.59 24.59 11.63
N GLN D 10 0.15 25.30 12.49
CA GLN D 10 -0.45 26.21 13.46
C GLN D 10 -0.35 27.65 12.99
N ASP D 11 -1.00 27.92 11.85
CA ASP D 11 -1.03 29.27 11.29
C ASP D 11 -2.45 29.84 11.32
#